data_6VWQ
#
_entry.id   6VWQ
#
_cell.length_a   79.213
_cell.length_b   79.213
_cell.length_c   105.450
_cell.angle_alpha   90.00
_cell.angle_beta   90.00
_cell.angle_gamma   90.00
#
_symmetry.space_group_name_H-M   'P 43 21 2'
#
loop_
_entity.id
_entity.type
_entity.pdbx_description
1 polymer 'Clavaminate synthase 3'
2 non-polymer oxovanadium(2+)
3 non-polymer 'SUCCINIC ACID'
4 non-polymer 'deoxyproclavaminic acid'
5 water water
#
_entity_poly.entity_id   1
_entity_poly.type   'polypeptide(L)'
_entity_poly.pdbx_seq_one_letter_code
;MGSSHHHHHHSSGLVPRGSHMMMTVVDCSEYSADLLALASRLPRIPRQDLYGFLDAAHEAAGDLPEGLGTALDRFNADGS
HDGYLMLRGLPVEDDDDLPATPTSTPAPVDRPLQNMEAMLAVIGRRLGLHTGYRELRSGTVYHDVYPSPGAHHLSSETSE
TLLEFHTEMAYHVLQPNYVMLACSRADHERKAATLVGSIRKALPLIPEEVRARLFDRPMPCCVDVAFRGGVENPGAIANV
KPLYGDPRDPFLGYDRELLAPREPDDVEAVAVLSKALDEVSEAVRLTPGDLLVVDNFRTTHARTPFSPRWDGKDRWLHRV
YIRTDRNDQLSGGERAGDVVDFSPRR
;
_entity_poly.pdbx_strand_id   A
#
loop_
_chem_comp.id
_chem_comp.type
_chem_comp.name
_chem_comp.formula
RQJ non-polymer 'deoxyproclavaminic acid' 'C8 H14 N2 O3'
SIN non-polymer 'SUCCINIC ACID' 'C4 H6 O4'
VVO non-polymer oxovanadium(2+) 'O V 2'
#
# COMPACT_ATOMS: atom_id res chain seq x y z
N SER A 19 -3.28 17.71 -11.52
CA SER A 19 -3.63 17.14 -10.22
C SER A 19 -4.60 15.98 -10.37
N HIS A 20 -4.78 15.27 -9.27
CA HIS A 20 -5.78 14.21 -9.15
C HIS A 20 -7.16 14.71 -9.53
N MET A 21 -8.03 13.78 -9.92
CA MET A 21 -9.41 14.10 -10.25
C MET A 21 -10.25 14.38 -9.00
N MET A 22 -11.35 15.09 -9.20
CA MET A 22 -12.34 15.31 -8.14
C MET A 22 -12.72 14.01 -7.43
N MET A 23 -12.97 12.95 -8.19
CA MET A 23 -13.44 11.67 -7.64
C MET A 23 -12.40 10.97 -6.77
N THR A 24 -11.15 11.40 -6.84
CA THR A 24 -10.07 10.68 -6.18
C THR A 24 -9.97 11.02 -4.69
N VAL A 25 -10.53 12.14 -4.26
CA VAL A 25 -10.53 12.54 -2.85
C VAL A 25 -11.96 12.43 -2.35
N VAL A 26 -12.17 11.63 -1.30
CA VAL A 26 -13.49 11.40 -0.73
C VAL A 26 -13.51 11.95 0.68
N ASP A 27 -14.30 13.00 0.91
CA ASP A 27 -14.42 13.60 2.23
C ASP A 27 -15.41 12.79 3.04
N CYS A 28 -14.90 12.09 4.04
CA CYS A 28 -15.72 11.21 4.88
C CYS A 28 -16.20 11.86 6.17
N SER A 29 -15.96 13.18 6.33
CA SER A 29 -16.28 13.84 7.60
C SER A 29 -17.73 13.64 8.02
N GLU A 30 -18.66 13.69 7.06
CA GLU A 30 -20.07 13.55 7.38
C GLU A 30 -20.41 12.16 7.91
N TYR A 31 -19.56 11.17 7.67
CA TYR A 31 -19.82 9.77 8.02
C TYR A 31 -19.30 9.41 9.40
N SER A 32 -18.75 10.37 10.15
CA SER A 32 -17.98 10.07 11.36
C SER A 32 -18.78 9.22 12.35
N ALA A 33 -19.98 9.66 12.71
CA ALA A 33 -20.74 8.94 13.71
C ALA A 33 -21.10 7.53 13.23
N ASP A 34 -21.47 7.39 11.96
CA ASP A 34 -21.80 6.08 11.43
C ASP A 34 -20.58 5.16 11.46
N LEU A 35 -19.41 5.68 11.10
CA LEU A 35 -18.21 4.85 11.07
C LEU A 35 -17.78 4.43 12.47
N LEU A 36 -17.88 5.34 13.43
CA LEU A 36 -17.57 4.99 14.82
C LEU A 36 -18.54 3.94 15.34
N ALA A 37 -19.81 4.00 14.93
CA ALA A 37 -20.77 2.98 15.33
C ALA A 37 -20.37 1.61 14.80
N LEU A 38 -19.95 1.55 13.53
CA LEU A 38 -19.45 0.29 12.98
C LEU A 38 -18.23 -0.19 13.76
N ALA A 39 -17.30 0.72 14.08
CA ALA A 39 -16.10 0.32 14.81
C ALA A 39 -16.44 -0.19 16.20
N SER A 40 -17.49 0.34 16.82
CA SER A 40 -17.82 -0.02 18.20
C SER A 40 -18.20 -1.49 18.36
N ARG A 41 -18.67 -2.13 17.30
CA ARG A 41 -19.03 -3.55 17.33
C ARG A 41 -17.90 -4.48 16.92
N LEU A 42 -16.67 -3.93 16.60
CA LEU A 42 -15.59 -4.83 16.23
C LEU A 42 -14.86 -5.33 17.49
N PRO A 43 -14.30 -6.53 17.43
CA PRO A 43 -13.47 -7.01 18.54
C PRO A 43 -12.38 -6.01 18.91
N ARG A 44 -12.26 -5.75 20.21
CA ARG A 44 -11.35 -4.73 20.72
C ARG A 44 -9.90 -5.19 20.70
N ILE A 45 -9.65 -6.50 20.76
CA ILE A 45 -8.27 -7.01 20.72
C ILE A 45 -8.14 -7.82 19.45
N PRO A 46 -7.90 -7.17 18.30
CA PRO A 46 -8.04 -7.88 17.02
C PRO A 46 -7.04 -9.01 16.84
N ARG A 47 -5.82 -8.87 17.36
CA ARG A 47 -4.80 -9.87 17.08
C ARG A 47 -5.00 -11.15 17.87
N GLN A 48 -5.92 -11.16 18.86
CA GLN A 48 -6.24 -12.41 19.56
C GLN A 48 -6.99 -13.38 18.64
N ASP A 49 -7.75 -12.86 17.68
CA ASP A 49 -8.50 -13.70 16.74
C ASP A 49 -8.70 -12.86 15.46
N LEU A 50 -7.65 -12.81 14.63
CA LEU A 50 -7.72 -11.91 13.48
C LEU A 50 -8.75 -12.35 12.46
N TYR A 51 -8.95 -13.66 12.28
CA TYR A 51 -9.93 -14.12 11.30
C TYR A 51 -11.35 -13.72 11.71
N GLY A 52 -11.69 -13.91 12.99
CA GLY A 52 -13.00 -13.50 13.47
C GLY A 52 -13.17 -11.99 13.43
N PHE A 53 -12.10 -11.26 13.77
CA PHE A 53 -12.12 -9.80 13.68
C PHE A 53 -12.44 -9.34 12.26
N LEU A 54 -11.78 -9.94 11.27
CA LEU A 54 -12.01 -9.50 9.89
C LEU A 54 -13.35 -9.98 9.36
N ASP A 55 -13.88 -11.10 9.88
CA ASP A 55 -15.26 -11.47 9.55
C ASP A 55 -16.25 -10.43 10.07
N ALA A 56 -16.06 -9.97 11.31
CA ALA A 56 -16.89 -8.90 11.84
C ALA A 56 -16.75 -7.64 10.99
N ALA A 57 -15.54 -7.38 10.48
CA ALA A 57 -15.34 -6.20 9.65
C ALA A 57 -16.01 -6.36 8.29
N HIS A 58 -16.10 -7.59 7.78
CA HIS A 58 -16.80 -7.81 6.52
C HIS A 58 -18.30 -7.55 6.68
N GLU A 59 -18.89 -7.96 7.80
CA GLU A 59 -20.28 -7.61 8.07
C GLU A 59 -20.47 -6.10 8.09
N ALA A 60 -19.56 -5.40 8.77
CA ALA A 60 -19.64 -3.94 8.82
C ALA A 60 -19.47 -3.31 7.44
N ALA A 61 -18.65 -3.94 6.58
CA ALA A 61 -18.37 -3.36 5.27
C ALA A 61 -19.65 -3.24 4.45
N GLY A 62 -20.56 -4.20 4.61
CA GLY A 62 -21.84 -4.12 3.92
C GLY A 62 -22.75 -3.02 4.42
N ASP A 63 -22.45 -2.44 5.58
CA ASP A 63 -23.24 -1.38 6.15
C ASP A 63 -22.57 -0.02 6.06
N LEU A 64 -21.54 0.11 5.23
CA LEU A 64 -20.90 1.41 5.05
C LEU A 64 -21.89 2.41 4.48
N PRO A 65 -21.73 3.69 4.80
CA PRO A 65 -22.56 4.72 4.15
C PRO A 65 -22.49 4.56 2.63
N GLU A 66 -23.65 4.72 1.99
CA GLU A 66 -23.79 4.37 0.57
C GLU A 66 -22.78 5.12 -0.30
N GLY A 67 -22.57 6.41 -0.03
CA GLY A 67 -21.64 7.16 -0.85
C GLY A 67 -20.22 6.65 -0.77
N LEU A 68 -19.80 6.24 0.43
CA LEU A 68 -18.46 5.69 0.61
C LEU A 68 -18.37 4.29 0.01
N GLY A 69 -19.38 3.45 0.24
CA GLY A 69 -19.40 2.15 -0.39
C GLY A 69 -19.34 2.24 -1.91
N THR A 70 -20.08 3.18 -2.49
CA THR A 70 -20.06 3.33 -3.94
C THR A 70 -18.70 3.77 -4.45
N ALA A 71 -18.07 4.74 -3.78
CA ALA A 71 -16.76 5.21 -4.21
C ALA A 71 -15.74 4.07 -4.19
N LEU A 72 -15.79 3.23 -3.15
CA LEU A 72 -14.87 2.10 -3.05
C LEU A 72 -15.14 1.07 -4.13
N ASP A 73 -16.41 0.72 -4.35
CA ASP A 73 -16.75 -0.28 -5.37
C ASP A 73 -16.32 0.21 -6.76
N ARG A 74 -16.58 1.47 -7.08
CA ARG A 74 -16.19 2.00 -8.38
C ARG A 74 -14.68 1.93 -8.59
N PHE A 75 -13.91 2.34 -7.58
CA PHE A 75 -12.46 2.27 -7.69
C PHE A 75 -11.99 0.82 -7.80
N ASN A 76 -12.63 -0.09 -7.06
CA ASN A 76 -12.21 -1.49 -7.07
C ASN A 76 -12.40 -2.13 -8.43
N ALA A 77 -13.40 -1.69 -9.20
CA ALA A 77 -13.72 -2.36 -10.46
C ALA A 77 -12.55 -2.33 -11.44
N ASP A 78 -11.93 -1.17 -11.64
CA ASP A 78 -10.78 -1.13 -12.52
C ASP A 78 -9.84 0.03 -12.21
N GLY A 79 -9.74 0.41 -10.95
CA GLY A 79 -8.81 1.47 -10.62
C GLY A 79 -9.29 2.82 -11.15
N SER A 80 -8.32 3.68 -11.37
CA SER A 80 -8.62 5.01 -11.92
C SER A 80 -7.38 5.55 -12.62
N HIS A 81 -7.59 6.69 -13.30
CA HIS A 81 -6.47 7.38 -13.94
C HIS A 81 -5.39 7.73 -12.92
N ASP A 82 -5.79 8.10 -11.70
CA ASP A 82 -4.82 8.51 -10.68
C ASP A 82 -4.16 7.32 -9.98
N GLY A 83 -4.83 6.16 -9.96
CA GLY A 83 -4.24 4.96 -9.36
C GLY A 83 -4.34 4.90 -7.86
N TYR A 84 -5.10 5.80 -7.25
CA TYR A 84 -5.30 5.75 -5.81
C TYR A 84 -6.65 6.37 -5.47
N LEU A 85 -7.12 6.08 -4.27
CA LEU A 85 -8.30 6.71 -3.69
C LEU A 85 -7.91 7.21 -2.31
N MET A 86 -8.19 8.48 -2.03
CA MET A 86 -7.82 9.09 -0.77
C MET A 86 -9.10 9.40 0.01
N LEU A 87 -9.25 8.79 1.17
CA LEU A 87 -10.33 9.09 2.07
C LEU A 87 -9.81 10.05 3.13
N ARG A 88 -10.56 11.11 3.39
CA ARG A 88 -10.14 12.11 4.38
C ARG A 88 -11.20 12.27 5.46
N GLY A 89 -10.75 12.68 6.65
CA GLY A 89 -11.71 12.99 7.69
C GLY A 89 -12.30 11.80 8.41
N LEU A 90 -11.66 10.64 8.33
CA LEU A 90 -12.11 9.49 9.10
C LEU A 90 -11.91 9.77 10.59
N PRO A 91 -12.64 9.04 11.46
CA PRO A 91 -12.72 9.46 12.88
C PRO A 91 -11.55 9.02 13.75
N VAL A 92 -10.37 9.54 13.43
CA VAL A 92 -9.18 9.25 14.21
C VAL A 92 -9.28 9.85 15.63
N GLU A 93 -8.64 9.17 16.58
CA GLU A 93 -8.53 9.68 17.94
C GLU A 93 -7.77 11.00 17.99
N ASP A 94 -8.09 11.83 18.98
CA ASP A 94 -7.22 12.95 19.28
C ASP A 94 -5.82 12.45 19.64
N ASP A 95 -4.82 13.27 19.34
CA ASP A 95 -3.44 12.82 19.50
C ASP A 95 -3.16 12.36 20.93
N ASP A 96 -3.66 13.08 21.93
CA ASP A 96 -3.35 12.67 23.30
C ASP A 96 -4.16 11.46 23.76
N ASP A 97 -5.08 10.94 22.95
CA ASP A 97 -5.77 9.70 23.23
C ASP A 97 -5.14 8.50 22.54
N LEU A 98 -4.12 8.72 21.78
CA LEU A 98 -3.36 7.64 21.18
C LEU A 98 -2.20 7.28 22.10
N PRO A 99 -1.75 6.02 22.09
CA PRO A 99 -0.50 5.69 22.79
C PRO A 99 0.68 6.31 22.05
N ALA A 100 1.86 6.15 22.66
CA ALA A 100 3.08 6.61 22.01
C ALA A 100 3.28 5.84 20.70
N THR A 101 3.89 6.51 19.72
CA THR A 101 4.17 5.87 18.45
C THR A 101 5.03 4.64 18.67
N PRO A 102 4.71 3.51 18.02
CA PRO A 102 5.51 2.29 18.22
C PRO A 102 6.96 2.48 17.81
N THR A 103 7.84 1.69 18.44
CA THR A 103 9.26 1.69 18.12
C THR A 103 9.76 0.26 17.86
N SER A 104 8.86 -0.68 17.62
CA SER A 104 9.24 -2.06 17.44
C SER A 104 8.12 -2.78 16.69
N THR A 105 8.52 -3.85 15.99
CA THR A 105 7.66 -4.74 15.23
C THR A 105 8.01 -6.17 15.66
N PRO A 106 7.01 -7.04 15.82
CA PRO A 106 5.58 -6.81 15.63
C PRO A 106 4.88 -6.15 16.80
N ALA A 107 3.65 -5.72 16.56
CA ALA A 107 2.87 -5.08 17.61
C ALA A 107 2.47 -6.10 18.68
N PRO A 108 2.26 -5.66 19.91
CA PRO A 108 1.83 -6.62 20.95
C PRO A 108 0.47 -7.20 20.61
N VAL A 109 0.34 -8.50 20.86
CA VAL A 109 -0.87 -9.23 20.47
C VAL A 109 -2.09 -8.67 21.20
N ASP A 110 -1.92 -8.12 22.40
CA ASP A 110 -3.05 -7.61 23.16
C ASP A 110 -3.30 -6.12 22.97
N ARG A 111 -2.70 -5.50 21.94
CA ARG A 111 -2.88 -4.07 21.78
C ARG A 111 -4.32 -3.76 21.38
N PRO A 112 -5.00 -2.85 22.08
CA PRO A 112 -6.38 -2.53 21.72
C PRO A 112 -6.48 -1.88 20.36
N LEU A 113 -7.59 -2.17 19.69
CA LEU A 113 -7.89 -1.66 18.36
C LEU A 113 -7.92 -0.13 18.37
N GLN A 114 -7.28 0.48 17.37
CA GLN A 114 -7.34 1.91 17.16
C GLN A 114 -8.25 2.24 16.00
N ASN A 115 -8.82 3.46 16.03
CA ASN A 115 -9.88 3.78 15.09
C ASN A 115 -9.42 3.64 13.64
N MET A 116 -8.18 4.06 13.33
CA MET A 116 -7.73 3.95 11.94
C MET A 116 -7.49 2.50 11.54
N GLU A 117 -7.14 1.62 12.50
CA GLU A 117 -7.10 0.19 12.22
C GLU A 117 -8.48 -0.38 11.95
N ALA A 118 -9.48 0.09 12.69
CA ALA A 118 -10.85 -0.32 12.42
C ALA A 118 -11.26 0.08 11.02
N MET A 119 -10.85 1.28 10.59
CA MET A 119 -11.15 1.72 9.23
C MET A 119 -10.47 0.84 8.19
N LEU A 120 -9.18 0.51 8.41
CA LEU A 120 -8.52 -0.44 7.50
C LEU A 120 -9.24 -1.78 7.44
N ALA A 121 -9.85 -2.21 8.56
CA ALA A 121 -10.54 -3.50 8.58
C ALA A 121 -11.81 -3.44 7.74
N VAL A 122 -12.66 -2.45 8.01
CA VAL A 122 -13.96 -2.34 7.35
C VAL A 122 -13.80 -1.94 5.89
N ILE A 123 -13.06 -0.85 5.64
CA ILE A 123 -12.85 -0.42 4.26
C ILE A 123 -12.03 -1.45 3.48
N GLY A 124 -11.08 -2.09 4.15
CA GLY A 124 -10.32 -3.15 3.50
C GLY A 124 -11.18 -4.33 3.08
N ARG A 125 -12.10 -4.78 3.96
CA ARG A 125 -12.96 -5.89 3.57
C ARG A 125 -13.97 -5.51 2.50
N ARG A 126 -14.31 -4.22 2.39
CA ARG A 126 -15.14 -3.80 1.25
C ARG A 126 -14.45 -4.09 -0.06
N LEU A 127 -13.11 -4.04 -0.06
CA LEU A 127 -12.31 -4.23 -1.26
C LEU A 127 -11.90 -5.67 -1.49
N GLY A 128 -11.50 -6.39 -0.43
CA GLY A 128 -10.95 -7.71 -0.62
C GLY A 128 -10.45 -8.34 0.66
N LEU A 129 -9.43 -9.20 0.54
CA LEU A 129 -8.95 -10.03 1.64
C LEU A 129 -7.61 -9.53 2.15
N HIS A 130 -7.58 -9.11 3.42
CA HIS A 130 -6.30 -8.80 4.06
C HIS A 130 -5.36 -9.98 3.97
N THR A 131 -4.08 -9.69 3.70
CA THR A 131 -3.07 -10.70 3.46
C THR A 131 -1.77 -10.32 4.16
N GLY A 132 -1.24 -11.25 4.95
CA GLY A 132 0.10 -11.11 5.50
C GLY A 132 1.09 -11.95 4.71
N TYR A 133 2.38 -11.67 4.94
CA TYR A 133 3.46 -12.32 4.22
C TYR A 133 4.43 -12.87 5.25
N ARG A 134 4.59 -14.20 5.24
CA ARG A 134 5.15 -14.90 6.40
C ARG A 134 6.52 -14.36 6.82
N GLU A 135 7.37 -14.05 5.84
CA GLU A 135 8.73 -13.65 6.12
C GLU A 135 8.86 -12.17 6.48
N LEU A 136 7.77 -11.41 6.34
CA LEU A 136 7.76 -9.96 6.43
C LEU A 136 7.10 -9.53 7.74
N ARG A 137 7.85 -8.78 8.57
CA ARG A 137 7.32 -8.25 9.83
C ARG A 137 6.63 -9.34 10.64
N SER A 138 7.33 -10.46 10.78
CA SER A 138 6.92 -11.59 11.60
C SER A 138 5.60 -12.19 11.14
N GLY A 139 5.29 -12.03 9.85
CA GLY A 139 4.09 -12.63 9.31
C GLY A 139 2.81 -11.96 9.76
N THR A 140 2.88 -10.71 10.19
CA THR A 140 1.68 -10.04 10.66
C THR A 140 0.91 -9.41 9.51
N VAL A 141 -0.36 -9.13 9.77
CA VAL A 141 -1.25 -8.55 8.77
C VAL A 141 -1.29 -7.03 8.90
N TYR A 142 -1.42 -6.51 10.12
CA TYR A 142 -1.34 -5.09 10.39
C TYR A 142 0.10 -4.68 10.66
N HIS A 143 0.63 -3.75 9.85
CA HIS A 143 1.96 -3.18 10.05
C HIS A 143 1.86 -1.75 10.56
N ASP A 144 2.63 -1.42 11.59
CA ASP A 144 2.87 -0.04 11.96
C ASP A 144 4.02 0.49 11.13
N VAL A 145 3.82 1.65 10.50
CA VAL A 145 4.84 2.32 9.72
C VAL A 145 5.28 3.54 10.53
N TYR A 146 6.48 3.47 11.08
CA TYR A 146 7.03 4.44 12.02
C TYR A 146 8.51 4.56 11.72
N PRO A 147 9.15 5.68 12.09
CA PRO A 147 10.59 5.81 11.84
C PRO A 147 11.41 5.09 12.89
N SER A 148 12.56 4.57 12.46
CA SER A 148 13.53 4.00 13.39
C SER A 148 14.91 4.56 13.08
N PRO A 149 15.76 4.73 14.10
CA PRO A 149 17.03 5.45 13.89
C PRO A 149 18.06 4.69 13.07
N GLY A 150 17.96 3.39 12.93
CA GLY A 150 18.95 2.70 12.10
C GLY A 150 18.42 2.13 10.81
N ALA A 151 17.31 2.68 10.31
CA ALA A 151 16.57 2.03 9.23
C ALA A 151 17.43 1.80 8.00
N HIS A 152 17.40 0.55 7.51
CA HIS A 152 17.92 0.17 6.21
C HIS A 152 17.27 1.00 5.11
N HIS A 153 18.04 1.32 4.06
CA HIS A 153 17.55 2.27 3.07
C HIS A 153 16.33 1.79 2.28
N LEU A 154 16.03 0.50 2.29
CA LEU A 154 14.82 0.00 1.65
C LEU A 154 13.63 -0.11 2.60
N SER A 155 13.79 0.27 3.87
CA SER A 155 12.77 0.01 4.87
C SER A 155 11.72 1.12 4.88
N SER A 156 10.46 0.74 5.10
CA SER A 156 9.46 1.77 5.35
C SER A 156 9.66 2.47 6.69
N GLU A 157 10.65 2.08 7.48
CA GLU A 157 11.03 2.78 8.71
C GLU A 157 12.01 3.91 8.46
N THR A 158 12.38 4.14 7.19
CA THR A 158 13.24 5.27 6.85
C THR A 158 12.51 6.59 7.14
N SER A 159 13.31 7.65 7.18
CA SER A 159 12.76 8.98 7.43
C SER A 159 13.59 10.02 6.70
N GLU A 160 14.84 10.22 7.15
CA GLU A 160 15.68 11.26 6.56
C GLU A 160 16.08 10.95 5.13
N THR A 161 16.10 9.67 4.74
CA THR A 161 16.40 9.28 3.38
C THR A 161 15.13 8.87 2.65
N LEU A 162 15.01 9.32 1.41
CA LEU A 162 13.86 9.04 0.58
C LEU A 162 13.65 7.54 0.42
N LEU A 163 12.41 7.09 0.60
CA LEU A 163 12.02 5.73 0.27
C LEU A 163 11.64 5.72 -1.21
N GLU A 164 12.50 5.12 -2.04
CA GLU A 164 12.37 5.22 -3.49
C GLU A 164 11.14 4.49 -4.02
N PHE A 165 10.71 4.91 -5.22
CA PHE A 165 9.55 4.32 -5.88
C PHE A 165 9.61 2.80 -5.91
N HIS A 166 8.50 2.19 -5.50
CA HIS A 166 8.39 0.74 -5.55
C HIS A 166 6.93 0.35 -5.75
N THR A 167 6.71 -0.61 -6.64
CA THR A 167 5.48 -1.39 -6.62
C THR A 167 5.62 -2.47 -5.56
N GLU A 168 4.73 -2.47 -4.56
CA GLU A 168 4.95 -3.31 -3.39
C GLU A 168 4.97 -4.79 -3.77
N MET A 169 6.09 -5.45 -3.47
CA MET A 169 6.27 -6.88 -3.70
C MET A 169 5.96 -7.25 -5.16
N ALA A 170 6.43 -6.42 -6.08
CA ALA A 170 6.22 -6.70 -7.50
C ALA A 170 6.85 -8.04 -7.91
N TYR A 171 7.86 -8.48 -7.18
CA TYR A 171 8.61 -9.71 -7.44
C TYR A 171 7.96 -10.94 -6.82
N HIS A 172 6.83 -10.77 -6.13
CA HIS A 172 6.18 -11.83 -5.38
C HIS A 172 5.02 -12.38 -6.19
N VAL A 173 4.95 -13.71 -6.33
CA VAL A 173 3.82 -14.31 -7.04
C VAL A 173 2.49 -13.88 -6.44
N LEU A 174 2.43 -13.70 -5.12
CA LEU A 174 1.19 -13.33 -4.45
C LEU A 174 1.15 -11.84 -4.08
N GLN A 175 1.84 -11.00 -4.86
CA GLN A 175 1.72 -9.55 -4.81
C GLN A 175 0.27 -9.09 -4.62
N PRO A 176 -0.01 -8.18 -3.71
CA PRO A 176 -1.40 -7.76 -3.49
C PRO A 176 -1.86 -6.67 -4.44
N ASN A 177 -3.17 -6.68 -4.70
CA ASN A 177 -3.82 -5.64 -5.53
C ASN A 177 -3.70 -4.26 -4.89
N TYR A 178 -3.86 -4.16 -3.56
CA TYR A 178 -3.87 -2.84 -2.93
C TYR A 178 -2.90 -2.80 -1.76
N VAL A 179 -2.25 -1.65 -1.61
CA VAL A 179 -1.62 -1.24 -0.37
C VAL A 179 -2.51 -0.17 0.24
N MET A 180 -2.84 -0.32 1.52
CA MET A 180 -3.68 0.64 2.22
C MET A 180 -2.89 1.25 3.36
N LEU A 181 -2.90 2.58 3.45
CA LEU A 181 -2.14 3.33 4.45
C LEU A 181 -3.11 4.22 5.19
N ALA A 182 -3.23 4.03 6.50
CA ALA A 182 -4.11 4.84 7.34
C ALA A 182 -3.27 5.61 8.35
N CYS A 183 -3.51 6.93 8.44
CA CYS A 183 -2.66 7.81 9.24
C CYS A 183 -3.25 8.06 10.63
N SER A 184 -2.52 7.66 11.67
CA SER A 184 -2.84 8.06 13.04
C SER A 184 -2.09 9.31 13.45
N ARG A 185 -0.79 9.41 13.08
CA ARG A 185 0.00 10.63 13.27
C ARG A 185 0.73 10.97 11.98
N ALA A 186 0.66 12.24 11.57
CA ALA A 186 1.63 12.72 10.61
C ALA A 186 2.94 13.07 11.32
N ASP A 187 4.01 13.23 10.54
CA ASP A 187 5.22 13.77 11.12
C ASP A 187 4.98 15.22 11.55
N HIS A 188 5.79 15.67 12.51
CA HIS A 188 5.57 16.97 13.16
C HIS A 188 5.42 18.12 12.19
N GLU A 189 6.28 18.18 11.18
CA GLU A 189 6.32 19.29 10.24
C GLU A 189 5.42 19.06 9.03
N ARG A 190 4.73 17.91 8.98
CA ARG A 190 3.88 17.53 7.85
C ARG A 190 4.63 17.74 6.53
N LYS A 191 5.86 17.22 6.51
CA LYS A 191 6.80 17.26 5.43
C LYS A 191 6.73 16.00 4.56
N ALA A 192 6.56 14.84 5.20
CA ALA A 192 6.65 13.57 4.46
C ALA A 192 5.51 13.46 3.46
N ALA A 193 5.86 13.29 2.19
CA ALA A 193 4.87 13.11 1.14
C ALA A 193 4.91 11.67 0.64
N THR A 194 3.73 11.08 0.50
CA THR A 194 3.59 9.78 -0.14
C THR A 194 3.39 10.05 -1.62
N LEU A 195 4.36 9.63 -2.43
CA LEU A 195 4.30 9.89 -3.87
C LEU A 195 3.66 8.71 -4.58
N VAL A 196 2.78 8.99 -5.54
CA VAL A 196 2.13 7.93 -6.30
C VAL A 196 2.40 8.20 -7.78
N GLY A 197 2.96 7.22 -8.47
CA GLY A 197 3.19 7.34 -9.90
C GLY A 197 2.31 6.37 -10.63
N SER A 198 1.35 6.88 -11.40
CA SER A 198 0.35 6.07 -12.08
C SER A 198 0.76 5.77 -13.52
N ILE A 199 0.73 4.49 -13.90
CA ILE A 199 1.12 4.15 -15.26
C ILE A 199 0.12 4.71 -16.27
N ARG A 200 -1.14 4.88 -15.86
CA ARG A 200 -2.12 5.47 -16.78
C ARG A 200 -1.77 6.92 -17.11
N LYS A 201 -1.17 7.64 -16.16
CA LYS A 201 -0.69 8.98 -16.47
C LYS A 201 0.66 8.96 -17.19
N ALA A 202 1.51 8.00 -16.87
CA ALA A 202 2.87 7.97 -17.43
C ALA A 202 2.91 7.45 -18.85
N LEU A 203 1.97 6.57 -19.23
CA LEU A 203 2.05 5.88 -20.52
C LEU A 203 2.10 6.83 -21.70
N PRO A 204 1.26 7.88 -21.79
CA PRO A 204 1.36 8.79 -22.95
C PRO A 204 2.74 9.39 -23.15
N LEU A 205 3.55 9.49 -22.10
CA LEU A 205 4.89 10.05 -22.22
C LEU A 205 5.94 9.05 -22.68
N ILE A 206 5.58 7.77 -22.82
CA ILE A 206 6.54 6.73 -23.18
C ILE A 206 6.37 6.43 -24.66
N PRO A 207 7.41 6.54 -25.47
CA PRO A 207 7.27 6.25 -26.92
C PRO A 207 6.80 4.83 -27.16
N GLU A 208 6.06 4.65 -28.26
CA GLU A 208 5.57 3.32 -28.62
C GLU A 208 6.70 2.31 -28.68
N GLU A 209 7.87 2.73 -29.15
CA GLU A 209 9.01 1.82 -29.26
C GLU A 209 9.46 1.35 -27.89
N VAL A 210 9.45 2.24 -26.89
CA VAL A 210 9.87 1.84 -25.55
C VAL A 210 8.79 1.01 -24.88
N ARG A 211 7.51 1.38 -25.06
CA ARG A 211 6.42 0.56 -24.55
C ARG A 211 6.52 -0.87 -25.07
N ALA A 212 6.84 -1.03 -26.36
CA ALA A 212 6.92 -2.37 -26.95
C ALA A 212 8.05 -3.17 -26.31
N ARG A 213 9.17 -2.52 -26.00
CA ARG A 213 10.27 -3.23 -25.35
C ARG A 213 9.91 -3.63 -23.93
N LEU A 214 9.19 -2.77 -23.21
CA LEU A 214 8.85 -3.06 -21.81
C LEU A 214 7.80 -4.15 -21.70
N PHE A 215 6.83 -4.18 -22.63
CA PHE A 215 5.61 -4.95 -22.43
C PHE A 215 5.85 -6.44 -22.51
N ASP A 216 5.45 -7.16 -21.46
CA ASP A 216 5.53 -8.61 -21.34
C ASP A 216 6.97 -9.13 -21.32
N ARG A 217 7.94 -8.26 -21.08
CA ARG A 217 9.34 -8.69 -21.09
C ARG A 217 9.82 -8.92 -19.67
N PRO A 218 10.05 -10.16 -19.25
CA PRO A 218 10.55 -10.40 -17.89
C PRO A 218 11.97 -9.88 -17.74
N MET A 219 12.22 -9.17 -16.65
CA MET A 219 13.54 -8.64 -16.36
C MET A 219 13.97 -9.06 -14.97
N PRO A 220 15.26 -9.26 -14.77
CA PRO A 220 15.74 -9.69 -13.45
C PRO A 220 15.39 -8.65 -12.39
N CYS A 221 14.99 -9.14 -11.22
CA CYS A 221 14.60 -8.26 -10.14
C CYS A 221 15.07 -8.86 -8.82
N CYS A 222 15.74 -8.05 -8.01
CA CYS A 222 16.06 -8.42 -6.64
C CYS A 222 14.80 -8.34 -5.77
N VAL A 223 14.93 -8.81 -4.53
CA VAL A 223 13.79 -8.83 -3.62
C VAL A 223 14.14 -8.04 -2.36
N ASP A 224 13.10 -7.68 -1.62
CA ASP A 224 13.33 -6.94 -0.39
C ASP A 224 14.00 -7.82 0.65
N VAL A 225 14.60 -7.17 1.65
CA VAL A 225 15.43 -7.84 2.64
C VAL A 225 14.68 -9.00 3.30
N ALA A 226 13.39 -8.79 3.63
CA ALA A 226 12.64 -9.83 4.35
C ALA A 226 12.61 -11.15 3.58
N PHE A 227 12.76 -11.12 2.26
CA PHE A 227 12.57 -12.29 1.42
C PHE A 227 13.89 -12.87 0.92
N ARG A 228 15.02 -12.48 1.50
CA ARG A 228 16.33 -12.92 1.01
C ARG A 228 16.84 -14.18 1.69
N GLY A 229 16.11 -14.72 2.66
CA GLY A 229 16.47 -16.00 3.27
C GLY A 229 17.82 -16.02 3.99
N ASN A 233 22.59 -10.81 0.23
CA ASN A 233 21.89 -10.46 -1.00
C ASN A 233 22.04 -11.56 -2.06
N PRO A 234 21.00 -12.36 -2.24
CA PRO A 234 21.06 -13.44 -3.23
C PRO A 234 20.94 -12.96 -4.67
N GLY A 235 20.87 -11.65 -4.91
CA GLY A 235 20.78 -11.15 -6.26
C GLY A 235 19.37 -11.22 -6.82
N ALA A 236 19.31 -11.19 -8.15
CA ALA A 236 18.06 -10.99 -8.89
C ALA A 236 17.35 -12.33 -9.09
N ILE A 237 16.81 -12.85 -8.00
CA ILE A 237 16.18 -14.17 -8.00
C ILE A 237 14.76 -14.18 -8.57
N ALA A 238 14.20 -13.02 -8.90
CA ALA A 238 12.88 -12.94 -9.50
C ALA A 238 12.98 -12.37 -10.91
N ASN A 239 11.90 -12.57 -11.67
CA ASN A 239 11.70 -11.91 -12.96
C ASN A 239 10.43 -11.09 -12.89
N VAL A 240 10.53 -9.82 -13.26
CA VAL A 240 9.40 -8.89 -13.21
C VAL A 240 9.20 -8.30 -14.59
N LYS A 241 7.94 -8.26 -15.04
CA LYS A 241 7.56 -7.62 -16.30
C LYS A 241 7.17 -6.18 -16.00
N PRO A 242 7.94 -5.18 -16.47
CA PRO A 242 7.61 -3.77 -16.11
C PRO A 242 6.24 -3.34 -16.57
N LEU A 243 5.80 -3.78 -17.75
CA LEU A 243 4.43 -3.61 -18.21
C LEU A 243 3.90 -4.98 -18.62
N TYR A 244 2.63 -5.22 -18.35
CA TYR A 244 2.06 -6.53 -18.67
C TYR A 244 0.54 -6.43 -18.70
N GLY A 245 -0.09 -7.51 -19.13
CA GLY A 245 -1.56 -7.60 -19.18
C GLY A 245 -2.10 -7.15 -20.52
N ASP A 246 -2.88 -6.07 -20.51
CA ASP A 246 -3.43 -5.49 -21.73
C ASP A 246 -2.49 -4.41 -22.24
N PRO A 247 -1.94 -4.55 -23.46
CA PRO A 247 -0.96 -3.54 -23.93
C PRO A 247 -1.52 -2.14 -24.07
N ARG A 248 -2.83 -1.99 -24.23
CA ARG A 248 -3.42 -0.66 -24.32
C ARG A 248 -3.78 -0.08 -22.96
N ASP A 249 -3.76 -0.88 -21.90
CA ASP A 249 -4.01 -0.41 -20.53
C ASP A 249 -3.23 -1.30 -19.57
N PRO A 250 -1.91 -1.23 -19.60
CA PRO A 250 -1.10 -2.27 -18.95
C PRO A 250 -1.02 -2.10 -17.44
N PHE A 251 -0.74 -3.23 -16.79
CA PHE A 251 -0.30 -3.22 -15.41
C PHE A 251 1.18 -2.83 -15.35
N LEU A 252 1.60 -2.38 -14.16
CA LEU A 252 2.94 -1.85 -13.94
C LEU A 252 3.62 -2.65 -12.84
N GLY A 253 4.88 -3.03 -13.09
CA GLY A 253 5.74 -3.61 -12.07
C GLY A 253 7.07 -2.88 -12.08
N TYR A 254 7.27 -1.96 -11.13
CA TYR A 254 8.46 -1.12 -11.13
C TYR A 254 9.04 -1.06 -9.72
N ASP A 255 10.37 -1.14 -9.63
CA ASP A 255 11.06 -0.90 -8.37
C ASP A 255 12.39 -0.25 -8.70
N ARG A 256 12.56 1.01 -8.30
CA ARG A 256 13.75 1.77 -8.69
C ARG A 256 15.03 1.14 -8.15
N GLU A 257 14.97 0.52 -6.97
CA GLU A 257 16.15 -0.05 -6.33
C GLU A 257 16.40 -1.51 -6.74
N LEU A 258 15.33 -2.28 -6.96
CA LEU A 258 15.45 -3.73 -7.09
C LEU A 258 15.42 -4.23 -8.52
N LEU A 259 14.75 -3.53 -9.43
CA LEU A 259 14.71 -3.96 -10.83
C LEU A 259 16.12 -3.84 -11.42
N ALA A 260 16.59 -4.90 -12.06
CA ALA A 260 18.00 -5.00 -12.48
C ALA A 260 18.11 -5.49 -13.93
N PRO A 261 17.66 -4.69 -14.90
CA PRO A 261 17.82 -5.09 -16.30
C PRO A 261 19.29 -5.15 -16.67
N ARG A 262 19.65 -6.13 -17.51
CA ARG A 262 21.03 -6.32 -17.93
C ARG A 262 21.28 -5.88 -19.36
N GLU A 263 20.39 -6.22 -20.29
CA GLU A 263 20.58 -5.83 -21.68
C GLU A 263 20.51 -4.30 -21.81
N PRO A 264 21.41 -3.69 -22.57
CA PRO A 264 21.39 -2.23 -22.70
C PRO A 264 20.05 -1.67 -23.17
N ASP A 265 19.34 -2.40 -24.03
CA ASP A 265 18.01 -1.95 -24.44
C ASP A 265 17.04 -1.98 -23.27
N ASP A 266 17.13 -3.02 -22.44
CA ASP A 266 16.27 -3.11 -21.26
C ASP A 266 16.58 -2.00 -20.26
N VAL A 267 17.87 -1.76 -20.01
CA VAL A 267 18.28 -0.67 -19.12
C VAL A 267 17.75 0.66 -19.64
N GLU A 268 17.79 0.84 -20.96
CA GLU A 268 17.32 2.09 -21.55
C GLU A 268 15.81 2.22 -21.43
N ALA A 269 15.08 1.15 -21.73
CA ALA A 269 13.62 1.21 -21.66
C ALA A 269 13.15 1.49 -20.24
N VAL A 270 13.81 0.89 -19.24
CA VAL A 270 13.42 1.11 -17.85
C VAL A 270 13.71 2.56 -17.44
N ALA A 271 14.80 3.14 -17.96
CA ALA A 271 15.13 4.52 -17.64
C ALA A 271 14.07 5.48 -18.16
N VAL A 272 13.54 5.22 -19.37
CA VAL A 272 12.44 6.03 -19.90
C VAL A 272 11.21 5.90 -19.00
N LEU A 273 10.86 4.67 -18.63
CA LEU A 273 9.72 4.44 -17.75
C LEU A 273 9.92 5.14 -16.41
N SER A 274 11.13 5.07 -15.86
CA SER A 274 11.43 5.72 -14.59
C SER A 274 11.20 7.23 -14.68
N LYS A 275 11.69 7.86 -15.75
CA LYS A 275 11.53 9.30 -15.86
C LYS A 275 10.08 9.70 -16.11
N ALA A 276 9.33 8.87 -16.84
CA ALA A 276 7.91 9.16 -17.04
C ALA A 276 7.14 9.11 -15.73
N LEU A 277 7.41 8.09 -14.90
CA LEU A 277 6.73 8.00 -13.61
C LEU A 277 7.10 9.18 -12.71
N ASP A 278 8.35 9.63 -12.76
CA ASP A 278 8.74 10.82 -12.02
C ASP A 278 7.91 12.03 -12.46
N GLU A 279 7.72 12.18 -13.77
CA GLU A 279 7.09 13.38 -14.31
C GLU A 279 5.62 13.48 -13.91
N VAL A 280 4.93 12.35 -13.74
CA VAL A 280 3.51 12.36 -13.45
C VAL A 280 3.21 12.09 -11.99
N SER A 281 4.23 11.88 -11.16
CA SER A 281 3.99 11.50 -9.78
C SER A 281 3.25 12.61 -9.06
N GLU A 282 2.36 12.22 -8.16
CA GLU A 282 1.63 13.17 -7.34
C GLU A 282 1.98 12.95 -5.88
N ALA A 283 2.08 14.05 -5.13
CA ALA A 283 2.40 14.02 -3.72
C ALA A 283 1.13 14.05 -2.88
N VAL A 284 1.01 13.08 -1.98
CA VAL A 284 -0.08 13.00 -1.01
C VAL A 284 0.55 13.11 0.37
N ARG A 285 0.19 14.14 1.12
CA ARG A 285 0.70 14.30 2.47
C ARG A 285 -0.38 13.83 3.45
N LEU A 286 -0.16 12.66 4.04
CA LEU A 286 -1.15 12.04 4.91
C LEU A 286 -1.25 12.79 6.23
N THR A 287 -2.46 13.06 6.67
CA THR A 287 -2.75 13.67 7.96
C THR A 287 -3.65 12.74 8.76
N PRO A 288 -3.74 12.92 10.08
CA PRO A 288 -4.57 12.01 10.89
C PRO A 288 -5.98 11.94 10.35
N GLY A 289 -6.50 10.72 10.21
CA GLY A 289 -7.81 10.51 9.64
C GLY A 289 -7.82 10.28 8.14
N ASP A 290 -6.68 10.35 7.49
CA ASP A 290 -6.57 10.05 6.06
C ASP A 290 -6.28 8.57 5.85
N LEU A 291 -6.84 8.03 4.79
CA LEU A 291 -6.60 6.64 4.42
C LEU A 291 -6.41 6.59 2.92
N LEU A 292 -5.25 6.11 2.49
CA LEU A 292 -4.87 6.06 1.09
C LEU A 292 -4.94 4.62 0.59
N VAL A 293 -5.72 4.39 -0.47
CA VAL A 293 -5.80 3.09 -1.13
C VAL A 293 -5.00 3.21 -2.43
N VAL A 294 -3.92 2.45 -2.54
CA VAL A 294 -3.03 2.50 -3.72
C VAL A 294 -3.31 1.27 -4.58
N ASP A 295 -3.63 1.49 -5.85
CA ASP A 295 -3.75 0.39 -6.82
C ASP A 295 -2.35 -0.11 -7.15
N ASN A 296 -1.96 -1.19 -6.48
CA ASN A 296 -0.61 -1.71 -6.55
C ASN A 296 -0.33 -2.53 -7.81
N PHE A 297 -1.30 -2.64 -8.73
CA PHE A 297 -1.02 -3.20 -10.05
C PHE A 297 -0.85 -2.14 -11.12
N ARG A 298 -1.11 -0.86 -10.82
CA ARG A 298 -1.02 0.19 -11.82
C ARG A 298 -0.24 1.41 -11.33
N THR A 299 0.42 1.30 -10.18
CA THR A 299 1.16 2.42 -9.63
C THR A 299 2.46 1.93 -9.04
N THR A 300 3.28 2.90 -8.67
CA THR A 300 4.48 2.72 -7.87
C THR A 300 4.44 3.86 -6.86
N HIS A 301 4.95 3.62 -5.65
CA HIS A 301 4.82 4.67 -4.63
C HIS A 301 6.12 4.84 -3.87
N ALA A 302 6.23 5.99 -3.20
CA ALA A 302 7.47 6.41 -2.54
C ALA A 302 7.10 7.26 -1.34
N ARG A 303 8.09 7.53 -0.47
CA ARG A 303 7.86 8.45 0.64
C ARG A 303 9.07 9.38 0.79
N THR A 304 8.81 10.68 0.82
CA THR A 304 9.87 11.69 0.81
C THR A 304 10.41 11.91 2.23
N PRO A 305 11.54 12.62 2.36
CA PRO A 305 12.20 12.70 3.66
C PRO A 305 11.44 13.50 4.72
N PHE A 306 11.67 13.09 5.97
CA PHE A 306 11.26 13.86 7.15
C PHE A 306 12.22 13.52 8.28
N SER A 307 12.25 14.39 9.29
CA SER A 307 13.19 14.25 10.40
C SER A 307 12.45 13.84 11.66
N PRO A 308 12.61 12.61 12.15
CA PRO A 308 11.92 12.21 13.38
C PRO A 308 12.48 12.94 14.59
N ARG A 309 11.69 12.93 15.65
CA ARG A 309 12.07 13.58 16.88
C ARG A 309 12.14 12.65 18.09
N TRP A 310 11.70 11.40 17.96
CA TRP A 310 11.83 10.41 19.03
C TRP A 310 11.17 10.88 20.33
N ASP A 311 10.06 11.61 20.20
CA ASP A 311 9.42 12.28 21.33
C ASP A 311 8.12 11.62 21.76
N GLY A 312 7.79 10.47 21.17
CA GLY A 312 6.52 9.81 21.43
C GLY A 312 5.43 10.13 20.43
N LYS A 313 5.64 11.11 19.56
CA LYS A 313 4.63 11.56 18.61
C LYS A 313 5.15 11.51 17.19
N ASP A 314 6.09 10.62 16.89
CA ASP A 314 6.57 10.52 15.52
C ASP A 314 5.47 9.98 14.60
N ARG A 315 5.67 10.19 13.29
CA ARG A 315 4.75 9.72 12.28
C ARG A 315 4.37 8.27 12.49
N TRP A 316 3.08 7.97 12.29
CA TRP A 316 2.54 6.64 12.58
C TRP A 316 1.45 6.34 11.57
N LEU A 317 1.74 5.46 10.61
CA LEU A 317 0.71 4.90 9.75
C LEU A 317 0.45 3.44 10.13
N HIS A 318 -0.71 2.98 9.75
CA HIS A 318 -1.08 1.57 9.76
C HIS A 318 -1.18 1.10 8.32
N ARG A 319 -0.61 -0.06 8.02
CA ARG A 319 -0.59 -0.56 6.65
C ARG A 319 -1.15 -1.98 6.60
N VAL A 320 -2.01 -2.22 5.62
CA VAL A 320 -2.43 -3.57 5.29
C VAL A 320 -2.38 -3.75 3.78
N TYR A 321 -2.38 -5.02 3.38
CA TYR A 321 -2.37 -5.46 1.98
C TYR A 321 -3.67 -6.19 1.67
N ILE A 322 -4.26 -5.90 0.51
CA ILE A 322 -5.55 -6.49 0.13
C ILE A 322 -5.39 -7.26 -1.17
N ARG A 323 -5.81 -8.53 -1.17
CA ARG A 323 -5.91 -9.32 -2.39
C ARG A 323 -7.34 -9.36 -2.90
N THR A 324 -7.46 -9.36 -4.22
CA THR A 324 -8.74 -9.52 -4.90
C THR A 324 -8.67 -10.74 -5.82
N ASP A 325 -9.83 -11.12 -6.37
CA ASP A 325 -9.91 -12.34 -7.18
C ASP A 325 -9.70 -11.97 -8.65
N ARG A 326 -8.45 -11.68 -8.98
CA ARG A 326 -8.02 -11.43 -10.35
C ARG A 326 -6.50 -11.47 -10.38
N ASN A 327 -5.94 -11.51 -11.59
CA ASN A 327 -4.49 -11.55 -11.81
C ASN A 327 -3.83 -12.69 -11.05
N ASP A 328 -4.55 -13.79 -10.84
CA ASP A 328 -4.03 -14.98 -10.17
C ASP A 328 -3.51 -14.67 -8.77
N GLN A 329 -4.10 -13.67 -8.10
CA GLN A 329 -3.79 -13.46 -6.69
C GLN A 329 -4.30 -14.59 -5.82
N LEU A 330 -5.43 -15.20 -6.20
CA LEU A 330 -6.15 -16.17 -5.38
C LEU A 330 -6.38 -17.43 -6.21
N SER A 331 -6.36 -18.58 -5.53
CA SER A 331 -6.60 -19.85 -6.22
C SER A 331 -7.75 -20.65 -5.63
N GLY A 332 -8.35 -20.20 -4.54
CA GLY A 332 -9.49 -20.86 -3.95
C GLY A 332 -9.37 -21.03 -2.45
N GLY A 333 -10.42 -20.67 -1.71
CA GLY A 333 -10.51 -20.91 -0.28
C GLY A 333 -9.89 -19.87 0.62
N GLU A 334 -9.24 -18.85 0.06
CA GLU A 334 -8.53 -17.87 0.87
C GLU A 334 -9.50 -17.10 1.76
N ARG A 335 -8.98 -16.66 2.91
CA ARG A 335 -9.72 -15.85 3.88
C ARG A 335 -8.92 -14.61 4.20
N ALA A 336 -9.64 -13.54 4.56
CA ALA A 336 -8.97 -12.35 5.07
C ALA A 336 -8.26 -12.68 6.36
N GLY A 337 -6.97 -12.39 6.41
CA GLY A 337 -6.13 -12.76 7.54
C GLY A 337 -5.10 -13.81 7.21
N ASP A 338 -5.21 -14.47 6.05
CA ASP A 338 -4.23 -15.46 5.64
C ASP A 338 -2.84 -14.85 5.51
N VAL A 339 -1.84 -15.67 5.86
CA VAL A 339 -0.44 -15.32 5.75
C VAL A 339 0.19 -16.30 4.77
N VAL A 340 0.85 -15.78 3.74
CA VAL A 340 1.32 -16.60 2.62
C VAL A 340 2.85 -16.63 2.59
N ASP A 341 3.39 -17.72 2.03
CA ASP A 341 4.83 -17.90 1.93
C ASP A 341 5.39 -17.27 0.66
N PHE A 342 6.70 -17.01 0.67
CA PHE A 342 7.35 -16.33 -0.45
C PHE A 342 7.57 -17.27 -1.63
N SER A 343 7.24 -16.79 -2.82
CA SER A 343 7.54 -17.42 -4.10
C SER A 343 7.91 -16.30 -5.05
N PRO A 344 9.09 -16.36 -5.68
CA PRO A 344 9.46 -15.28 -6.61
C PRO A 344 8.79 -15.46 -7.95
N ARG A 345 8.37 -14.34 -8.54
CA ARG A 345 7.92 -14.39 -9.93
C ARG A 345 9.05 -14.90 -10.80
N ARG A 346 8.71 -15.75 -11.76
CA ARG A 346 9.75 -16.36 -12.61
C ARG A 346 9.51 -16.13 -14.10
O1 VVO B . 6.62 -0.25 1.51
V1 VVO B . 5.49 0.67 0.19
C1 SIN C . 4.95 2.39 2.02
O1 SIN C . 5.72 2.57 1.07
O2 SIN C . 4.29 1.32 2.04
C2 SIN C . 4.82 3.46 3.09
C3 SIN C . 4.69 4.85 2.46
C4 SIN C . 4.63 5.96 3.49
O3 SIN C . 3.93 6.98 3.27
O4 SIN C . 5.30 5.92 4.56
N RQJ D . 8.55 -3.97 2.48
CA RQJ D . 9.54 -3.05 3.09
C RQJ D . 9.21 -2.74 4.56
O RQJ D . 10.06 -2.07 5.19
CB RQJ D . 9.59 -1.75 2.28
OXT RQJ D . 8.15 -3.18 5.03
CAB RQJ D . 8.62 -5.26 2.05
CAC RQJ D . 7.29 -5.28 1.58
CAD RQJ D . 7.15 -3.85 2.05
CAK RQJ D . 9.88 -2.06 0.80
CAL RQJ D . 10.11 -0.77 0.01
NAM RQJ D . 11.50 -0.69 -0.44
OAE RQJ D . 9.51 -6.09 2.09
#